data_3EDQ
#
_entry.id   3EDQ
#
_cell.length_a   67.375
_cell.length_b   93.562
_cell.length_c   97.617
_cell.angle_alpha   90.00
_cell.angle_beta   90.00
_cell.angle_gamma   90.00
#
_symmetry.space_group_name_H-M   'P 21 21 21'
#
loop_
_entity.id
_entity.type
_entity.pdbx_description
1 polymer Caspase-3
2 polymer Caspase-3
3 polymer 'AC-LDESD-CHO peptide'
4 water water
#
loop_
_entity_poly.entity_id
_entity_poly.type
_entity_poly.pdbx_seq_one_letter_code
_entity_poly.pdbx_strand_id
1 'polypeptide(L)'
;SGISLDNSYKMDYPEMGLCIIINNKNFHKSTGMTSRSGTDVDAANLRETFRNLKYEVRNKNDLTREEIVELMRDVSKEDH
SKRSSFVCVLLSHGEEGIIFGTNGPVDLKKITNFFRGDRCRSLTGKPKLFIIQACRGTELDCGIETD
;
A,C
2 'polypeptide(L)'
;SGVDDDMACHKIPVEADFLYAYSTAPGYYSWRNSKDGSWFIQSLCAMLKQYADKLEFMHILTRVNRKVATEFESFSFDAT
FHAKKQIPCIVSMLTKELYFYHHHHHHH
;
B,D
3 'polypeptide(L)' (ACE)LDES(ASA) E,F
#
loop_
_chem_comp.id
_chem_comp.type
_chem_comp.name
_chem_comp.formula
ACE non-polymer 'ACETYL GROUP' 'C2 H4 O'
#
# COMPACT_ATOMS: atom_id res chain seq x y z
N ASN A 7 0.54 -10.54 16.62
CA ASN A 7 1.08 -11.84 16.30
C ASN A 7 1.99 -11.67 15.05
N SER A 8 2.81 -12.70 14.99
CA SER A 8 3.94 -12.69 14.09
C SER A 8 4.03 -13.96 13.25
N TYR A 9 4.42 -13.78 11.98
CA TYR A 9 4.63 -14.95 11.18
C TYR A 9 5.73 -15.85 11.78
N LYS A 10 5.48 -17.15 11.70
CA LYS A 10 6.44 -18.15 12.10
C LYS A 10 7.62 -18.15 11.13
N MET A 11 8.78 -17.77 11.63
CA MET A 11 9.96 -17.66 10.76
C MET A 11 11.05 -18.67 11.10
N ASP A 12 10.70 -19.76 11.76
CA ASP A 12 11.62 -20.77 12.25
C ASP A 12 11.39 -22.09 11.56
N TYR A 13 10.80 -22.06 10.35
CA TYR A 13 10.91 -23.27 9.53
C TYR A 13 12.38 -23.57 9.25
N PRO A 14 12.71 -24.74 8.76
CA PRO A 14 14.11 -25.05 8.42
C PRO A 14 14.71 -24.07 7.43
N GLU A 15 13.95 -23.40 6.57
CA GLU A 15 14.59 -22.52 5.58
C GLU A 15 13.85 -21.19 5.57
N MET A 16 14.57 -20.08 5.49
CA MET A 16 13.92 -18.77 5.40
C MET A 16 13.09 -18.72 4.12
N GLY A 17 13.65 -19.30 3.07
CA GLY A 17 12.93 -19.34 1.79
C GLY A 17 13.79 -18.86 0.64
N LEU A 18 13.17 -18.84 -0.54
CA LEU A 18 13.81 -18.34 -1.74
C LEU A 18 13.71 -16.81 -1.81
N CYS A 19 14.77 -16.26 -2.40
CA CYS A 19 14.80 -14.87 -2.84
C CYS A 19 15.17 -14.89 -4.31
N ILE A 20 14.16 -14.68 -5.17
CA ILE A 20 14.38 -14.60 -6.61
C ILE A 20 14.62 -13.17 -7.05
N ILE A 21 15.78 -12.89 -7.66
CA ILE A 21 16.13 -11.57 -8.14
C ILE A 21 16.18 -11.57 -9.66
N ILE A 22 15.24 -10.84 -10.23
CA ILE A 22 15.19 -10.71 -11.70
C ILE A 22 15.77 -9.35 -12.08
N ASN A 23 16.89 -9.40 -12.78
CA ASN A 23 17.68 -8.19 -13.06
C ASN A 23 17.73 -7.89 -14.56
N ASN A 24 16.87 -7.00 -15.05
CA ASN A 24 16.80 -6.69 -16.47
C ASN A 24 17.52 -5.37 -16.73
N LYS A 25 18.59 -5.46 -17.50
CA LYS A 25 19.45 -4.31 -17.79
C LYS A 25 19.36 -3.82 -19.23
N ASN A 26 19.32 -4.76 -20.17
CA ASN A 26 19.29 -4.47 -21.58
C ASN A 26 17.99 -4.95 -22.23
N PHE A 27 17.41 -4.03 -22.98
CA PHE A 27 16.11 -4.22 -23.58
C PHE A 27 16.14 -4.10 -25.10
N HIS A 28 15.16 -4.75 -25.73
CA HIS A 28 14.94 -4.56 -27.17
C HIS A 28 14.59 -3.11 -27.51
N LYS A 29 15.12 -2.62 -28.63
CA LYS A 29 14.94 -1.23 -29.02
C LYS A 29 13.49 -0.76 -29.12
N SER A 30 12.60 -1.68 -29.46
CA SER A 30 11.16 -1.45 -29.52
C SER A 30 10.60 -1.02 -28.17
N THR A 31 11.17 -1.43 -27.03
CA THR A 31 10.67 -0.93 -25.74
C THR A 31 10.97 0.56 -25.53
N GLY A 32 11.99 1.03 -26.23
CA GLY A 32 12.57 2.37 -26.15
C GLY A 32 13.29 2.59 -24.82
N MET A 33 13.53 1.56 -24.02
CA MET A 33 14.20 1.73 -22.73
C MET A 33 15.72 1.70 -22.99
N THR A 34 16.42 2.64 -22.39
CA THR A 34 17.87 2.63 -22.44
C THR A 34 18.40 1.75 -21.31
N SER A 35 19.59 1.22 -21.54
CA SER A 35 20.28 0.29 -20.66
C SER A 35 20.22 0.75 -19.21
N ARG A 36 19.85 -0.11 -18.28
CA ARG A 36 19.63 0.38 -16.91
C ARG A 36 20.95 0.33 -16.13
N SER A 37 21.82 1.28 -16.47
CA SER A 37 23.10 1.45 -15.77
C SER A 37 22.87 1.55 -14.26
N GLY A 38 23.67 0.77 -13.52
CA GLY A 38 23.52 0.84 -12.07
C GLY A 38 22.77 -0.36 -11.55
N THR A 39 22.03 -1.05 -12.42
CA THR A 39 21.21 -2.16 -11.90
C THR A 39 22.04 -3.35 -11.44
N ASP A 40 23.26 -3.55 -11.98
CA ASP A 40 24.07 -4.67 -11.49
C ASP A 40 24.53 -4.47 -10.05
N VAL A 41 24.74 -3.22 -9.66
CA VAL A 41 25.11 -2.87 -8.29
C VAL A 41 23.96 -3.25 -7.35
N ASP A 42 22.73 -2.98 -7.78
CA ASP A 42 21.53 -3.28 -6.99
C ASP A 42 21.41 -4.81 -6.82
N ALA A 43 21.59 -5.52 -7.94
CA ALA A 43 21.42 -6.98 -7.92
C ALA A 43 22.46 -7.61 -7.00
N ALA A 44 23.72 -7.20 -7.04
CA ALA A 44 24.70 -7.75 -6.10
C ALA A 44 24.45 -7.32 -4.65
N ASN A 45 24.00 -6.08 -4.44
CA ASN A 45 23.70 -5.59 -3.08
C ASN A 45 22.58 -6.45 -2.50
N LEU A 46 21.54 -6.66 -3.31
CA LEU A 46 20.43 -7.53 -2.89
C LEU A 46 20.88 -8.96 -2.62
N ARG A 47 21.71 -9.54 -3.48
CA ARG A 47 22.12 -10.91 -3.28
C ARG A 47 22.81 -11.05 -1.93
N GLU A 48 23.67 -10.07 -1.63
CA GLU A 48 24.44 -10.12 -0.36
C GLU A 48 23.58 -9.91 0.86
N THR A 49 22.67 -8.96 0.76
CA THR A 49 21.74 -8.62 1.84
C THR A 49 20.86 -9.81 2.19
N PHE A 50 20.29 -10.45 1.17
CA PHE A 50 19.42 -11.60 1.47
C PHE A 50 20.24 -12.83 1.82
N ARG A 51 21.46 -12.99 1.30
CA ARG A 51 22.31 -14.08 1.77
C ARG A 51 22.51 -13.98 3.27
N ASN A 52 22.73 -12.73 3.70
CA ASN A 52 23.00 -12.49 5.12
C ASN A 52 21.77 -12.78 5.97
N LEU A 53 20.56 -12.71 5.42
CA LEU A 53 19.29 -13.04 6.10
C LEU A 53 18.95 -14.52 6.00
N LYS A 54 19.79 -15.34 5.36
CA LYS A 54 19.74 -16.77 5.16
C LYS A 54 18.68 -17.17 4.13
N TYR A 55 18.42 -16.30 3.15
CA TYR A 55 17.64 -16.72 1.98
C TYR A 55 18.51 -17.42 0.95
N GLU A 56 17.87 -18.36 0.28
CA GLU A 56 18.46 -19.02 -0.88
C GLU A 56 18.21 -18.09 -2.08
N VAL A 57 19.25 -17.32 -2.41
CA VAL A 57 19.15 -16.34 -3.48
C VAL A 57 19.42 -17.00 -4.85
N ARG A 58 18.53 -16.67 -5.79
CA ARG A 58 18.74 -17.04 -7.19
C ARG A 58 18.73 -15.75 -8.01
N ASN A 59 19.83 -15.39 -8.64
CA ASN A 59 19.90 -14.21 -9.50
C ASN A 59 19.67 -14.62 -10.96
N LYS A 60 18.75 -13.91 -11.60
CA LYS A 60 18.48 -14.11 -13.01
C LYS A 60 18.69 -12.79 -13.74
N ASN A 61 19.36 -12.78 -14.88
CA ASN A 61 19.62 -11.56 -15.61
C ASN A 61 18.97 -11.56 -16.99
N ASP A 62 18.37 -10.46 -17.41
CA ASP A 62 17.92 -10.17 -18.76
C ASP A 62 16.94 -11.21 -19.24
N LEU A 63 15.81 -11.35 -18.56
CA LEU A 63 14.81 -12.32 -19.01
C LEU A 63 13.76 -11.65 -19.89
N THR A 64 13.36 -12.35 -20.96
CA THR A 64 12.21 -11.91 -21.74
C THR A 64 10.93 -12.00 -20.92
N ARG A 65 9.81 -11.40 -21.36
CA ARG A 65 8.62 -11.57 -20.52
C ARG A 65 8.13 -13.02 -20.44
N GLU A 66 8.37 -13.81 -21.50
CA GLU A 66 7.97 -15.22 -21.46
C GLU A 66 8.81 -15.98 -20.44
N GLU A 67 10.11 -15.73 -20.37
CA GLU A 67 11.00 -16.34 -19.39
C GLU A 67 10.66 -15.94 -17.96
N ILE A 68 10.25 -14.67 -17.75
CA ILE A 68 9.82 -14.29 -16.39
C ILE A 68 8.63 -15.14 -15.93
N VAL A 69 7.63 -15.29 -16.80
CA VAL A 69 6.42 -16.00 -16.41
C VAL A 69 6.74 -17.47 -16.21
N GLU A 70 7.54 -17.99 -17.15
CA GLU A 70 7.84 -19.42 -17.02
C GLU A 70 8.63 -19.63 -15.73
N LEU A 71 9.57 -18.71 -15.39
CA LEU A 71 10.34 -18.83 -14.16
C LEU A 71 9.43 -18.76 -12.93
N MET A 72 8.57 -17.73 -12.88
CA MET A 72 7.67 -17.61 -11.70
C MET A 72 6.68 -18.76 -11.59
N ARG A 73 6.13 -19.27 -12.68
CA ARG A 73 5.27 -20.46 -12.63
C ARG A 73 6.03 -21.63 -11.98
N ASP A 74 7.23 -21.94 -12.47
CA ASP A 74 8.09 -23.03 -12.01
C ASP A 74 8.41 -22.87 -10.52
N VAL A 75 8.83 -21.69 -10.08
CA VAL A 75 9.08 -21.44 -8.64
C VAL A 75 7.81 -21.67 -7.84
N SER A 76 6.65 -21.23 -8.35
CA SER A 76 5.40 -21.43 -7.60
C SER A 76 4.98 -22.89 -7.48
N LYS A 77 5.57 -23.76 -8.32
CA LYS A 77 5.16 -25.16 -8.29
C LYS A 77 6.12 -25.98 -7.46
N GLU A 78 7.14 -25.32 -6.92
CA GLU A 78 8.05 -26.04 -6.04
C GLU A 78 7.39 -26.32 -4.70
N ASP A 79 7.97 -27.20 -3.92
CA ASP A 79 7.48 -27.47 -2.57
C ASP A 79 8.13 -26.54 -1.54
N HIS A 80 7.37 -25.54 -1.07
CA HIS A 80 7.88 -24.58 -0.13
C HIS A 80 7.56 -24.96 1.32
N SER A 81 7.25 -26.21 1.56
CA SER A 81 6.81 -26.68 2.88
C SER A 81 7.75 -26.36 4.02
N LYS A 82 9.04 -26.42 3.74
CA LYS A 82 10.05 -26.24 4.77
C LYS A 82 10.61 -24.82 4.79
N ARG A 83 10.02 -23.92 4.03
CA ARG A 83 10.34 -22.53 3.90
C ARG A 83 9.32 -21.62 4.58
N SER A 84 9.86 -20.60 5.25
CA SER A 84 9.05 -19.67 6.04
C SER A 84 8.35 -18.62 5.18
N SER A 85 8.95 -18.28 4.03
CA SER A 85 8.54 -17.06 3.34
C SER A 85 8.96 -17.19 1.88
N PHE A 86 8.58 -16.21 1.08
CA PHE A 86 9.02 -16.13 -0.31
C PHE A 86 9.34 -14.70 -0.65
N VAL A 87 10.46 -14.41 -1.29
CA VAL A 87 10.82 -13.06 -1.71
C VAL A 87 11.09 -13.08 -3.22
N CYS A 88 10.50 -12.14 -3.95
CA CYS A 88 10.82 -11.86 -5.35
C CYS A 88 11.16 -10.38 -5.54
N VAL A 89 12.32 -10.13 -6.14
CA VAL A 89 12.73 -8.79 -6.45
C VAL A 89 12.73 -8.61 -7.97
N LEU A 90 12.03 -7.58 -8.43
CA LEU A 90 12.02 -7.25 -9.85
C LEU A 90 12.74 -5.93 -10.09
N LEU A 91 13.75 -5.98 -10.94
CA LEU A 91 14.52 -4.76 -11.28
C LEU A 91 14.43 -4.54 -12.78
N SER A 92 13.61 -3.56 -13.19
CA SER A 92 13.34 -3.43 -14.62
C SER A 92 12.72 -2.08 -14.93
N HIS A 93 12.38 -1.87 -16.21
CA HIS A 93 11.46 -0.81 -16.62
C HIS A 93 10.04 -1.24 -16.23
N GLY A 94 9.11 -0.31 -16.08
CA GLY A 94 7.72 -0.64 -15.78
C GLY A 94 6.81 0.51 -16.19
N GLU A 95 5.53 0.21 -16.05
CA GLU A 95 4.41 1.11 -16.13
C GLU A 95 3.46 0.78 -14.97
N GLU A 96 2.40 1.56 -14.74
CA GLU A 96 1.55 1.17 -13.59
C GLU A 96 1.01 -0.25 -13.76
N GLY A 97 1.29 -1.13 -12.81
CA GLY A 97 0.74 -2.49 -12.86
C GLY A 97 1.53 -3.39 -13.80
N ILE A 98 2.63 -2.90 -14.35
CA ILE A 98 3.37 -3.62 -15.38
C ILE A 98 4.87 -3.65 -15.09
N ILE A 99 5.44 -4.82 -15.39
CA ILE A 99 6.91 -4.94 -15.38
C ILE A 99 7.42 -5.34 -16.77
N PHE A 100 8.63 -4.92 -17.15
CA PHE A 100 9.11 -5.25 -18.47
C PHE A 100 10.09 -6.42 -18.45
N GLY A 101 9.76 -7.38 -19.35
CA GLY A 101 10.77 -8.31 -19.82
C GLY A 101 11.69 -7.54 -20.77
N THR A 102 12.79 -8.15 -21.17
CA THR A 102 13.68 -7.48 -22.11
C THR A 102 13.00 -7.18 -23.44
N ASN A 103 11.96 -7.93 -23.76
CA ASN A 103 11.29 -7.73 -25.04
C ASN A 103 9.87 -7.17 -24.93
N GLY A 104 9.42 -6.72 -23.77
CA GLY A 104 8.10 -6.16 -23.65
C GLY A 104 7.47 -6.36 -22.29
N PRO A 105 6.31 -5.74 -22.09
CA PRO A 105 5.64 -5.70 -20.80
C PRO A 105 4.85 -6.96 -20.48
N VAL A 106 4.79 -7.27 -19.18
CA VAL A 106 3.87 -8.30 -18.72
C VAL A 106 3.16 -7.75 -17.48
N ASP A 107 1.91 -8.09 -17.27
CA ASP A 107 1.19 -7.60 -16.09
C ASP A 107 1.77 -8.16 -14.80
N LEU A 108 1.99 -7.30 -13.79
CA LEU A 108 2.42 -7.81 -12.49
C LEU A 108 1.46 -8.85 -11.90
N LYS A 109 0.16 -8.69 -12.07
CA LYS A 109 -0.84 -9.64 -11.58
C LYS A 109 -0.59 -11.02 -12.14
N LYS A 110 -0.08 -11.08 -13.38
CA LYS A 110 0.15 -12.39 -13.95
C LYS A 110 1.16 -13.20 -13.11
N ILE A 111 2.22 -12.50 -12.74
CA ILE A 111 3.31 -13.05 -11.93
C ILE A 111 2.89 -13.39 -10.51
N THR A 112 2.21 -12.46 -9.85
CA THR A 112 1.84 -12.63 -8.45
C THR A 112 0.69 -13.64 -8.34
N ASN A 113 -0.16 -13.80 -9.34
CA ASN A 113 -1.27 -14.75 -9.22
C ASN A 113 -0.78 -16.20 -9.03
N PHE A 114 0.42 -16.57 -9.50
CA PHE A 114 0.96 -17.92 -9.30
C PHE A 114 1.10 -18.27 -7.83
N PHE A 115 1.16 -17.23 -6.98
CA PHE A 115 1.45 -17.38 -5.56
C PHE A 115 0.23 -17.18 -4.65
N ARG A 116 -0.93 -16.93 -5.24
CA ARG A 116 -2.15 -16.79 -4.45
C ARG A 116 -2.33 -18.02 -3.55
N GLY A 117 -2.94 -17.77 -2.41
CA GLY A 117 -3.21 -18.76 -1.38
C GLY A 117 -3.81 -20.06 -1.88
N ASP A 118 -4.56 -20.03 -2.99
CA ASP A 118 -5.20 -21.24 -3.51
C ASP A 118 -4.35 -21.87 -4.59
N ARG A 119 -3.32 -21.16 -5.08
CA ARG A 119 -2.58 -21.72 -6.23
C ARG A 119 -1.18 -22.21 -5.89
N CYS A 120 -0.67 -21.78 -4.74
CA CYS A 120 0.58 -22.21 -4.18
C CYS A 120 0.34 -22.61 -2.72
N ARG A 121 -0.05 -23.86 -2.52
CA ARG A 121 -0.57 -24.23 -1.19
C ARG A 121 0.54 -24.31 -0.16
N SER A 122 1.79 -24.58 -0.58
CA SER A 122 2.91 -24.65 0.39
C SER A 122 3.39 -23.26 0.82
N LEU A 123 2.82 -22.18 0.27
CA LEU A 123 3.05 -20.83 0.78
C LEU A 123 1.79 -20.24 1.41
N THR A 124 0.68 -20.97 1.44
CA THR A 124 -0.53 -20.48 2.10
C THR A 124 -0.23 -20.06 3.54
N GLY A 125 -0.58 -18.82 3.93
CA GLY A 125 -0.37 -18.41 5.30
C GLY A 125 1.01 -17.90 5.62
N LYS A 126 1.85 -17.85 4.59
CA LYS A 126 3.25 -17.46 4.69
C LYS A 126 3.42 -16.12 3.98
N PRO A 127 4.29 -15.24 4.44
CA PRO A 127 4.45 -13.93 3.80
C PRO A 127 5.11 -14.08 2.42
N LYS A 128 4.53 -13.44 1.43
CA LYS A 128 4.99 -13.42 0.04
C LYS A 128 5.35 -11.99 -0.30
N LEU A 129 6.63 -11.72 -0.48
CA LEU A 129 7.18 -10.36 -0.58
C LEU A 129 7.62 -10.06 -2.01
N PHE A 130 7.05 -9.03 -2.61
CA PHE A 130 7.41 -8.58 -3.96
C PHE A 130 8.00 -7.18 -3.88
N ILE A 131 9.28 -7.11 -4.22
CA ILE A 131 10.00 -5.83 -4.14
C ILE A 131 10.22 -5.39 -5.57
N ILE A 132 9.68 -4.19 -5.86
CA ILE A 132 9.63 -3.79 -7.26
C ILE A 132 10.27 -2.45 -7.55
N GLN A 133 11.42 -2.53 -8.24
CA GLN A 133 12.17 -1.32 -8.65
C GLN A 133 11.85 -1.15 -10.13
N ALA A 134 10.91 -0.22 -10.39
CA ALA A 134 10.45 0.00 -11.77
C ALA A 134 9.57 1.24 -11.79
N CYS A 135 9.55 1.91 -12.93
CA CYS A 135 8.64 3.06 -13.01
C CYS A 135 7.18 2.62 -12.89
N ARG A 136 6.32 3.56 -12.47
CA ARG A 136 4.87 3.25 -12.42
C ARG A 136 4.07 4.28 -13.21
N GLY A 137 4.74 4.92 -14.16
CA GLY A 137 4.18 5.97 -14.97
C GLY A 137 5.28 6.99 -15.23
N THR A 138 4.85 8.18 -15.62
CA THR A 138 5.73 9.23 -16.07
C THR A 138 5.50 10.54 -15.31
N GLU A 139 4.87 10.46 -14.13
CA GLU A 139 4.68 11.64 -13.30
CA GLU A 139 4.69 11.67 -13.36
C GLU A 139 6.03 11.92 -12.64
N LEU A 140 6.32 13.21 -12.50
CA LEU A 140 7.53 13.70 -11.83
C LEU A 140 7.16 14.38 -10.52
N ASP A 141 7.88 14.12 -9.43
CA ASP A 141 7.60 14.76 -8.14
C ASP A 141 8.58 15.92 -7.92
N CYS A 142 8.08 17.18 -7.99
CA CYS A 142 9.03 18.30 -7.83
C CYS A 142 9.37 18.61 -6.38
N GLY A 143 8.65 17.97 -5.44
CA GLY A 143 8.99 18.12 -4.04
C GLY A 143 8.52 19.44 -3.51
N ILE A 144 8.72 19.61 -2.22
CA ILE A 144 8.34 20.87 -1.58
C ILE A 144 9.41 21.18 -0.54
N GLU A 145 9.89 22.41 -0.53
CA GLU A 145 10.85 22.87 0.46
C GLU A 145 10.32 22.60 1.86
N THR A 146 11.26 22.36 2.76
CA THR A 146 10.86 22.04 4.13
C THR A 146 11.52 22.97 5.14
N LYS B 11 -11.23 -20.47 6.42
CA LYS B 11 -10.72 -19.93 5.19
C LYS B 11 -9.96 -18.61 5.39
N ILE B 12 -9.01 -18.39 4.51
CA ILE B 12 -8.38 -17.05 4.39
C ILE B 12 -8.54 -16.52 2.96
N PRO B 13 -8.49 -15.20 2.76
CA PRO B 13 -8.58 -14.68 1.40
C PRO B 13 -7.39 -15.13 0.57
N VAL B 14 -7.62 -15.41 -0.70
CA VAL B 14 -6.48 -15.84 -1.53
C VAL B 14 -5.50 -14.68 -1.77
N GLU B 15 -5.88 -13.41 -1.53
CA GLU B 15 -4.94 -12.29 -1.70
C GLU B 15 -4.24 -11.90 -0.40
N ALA B 16 -4.52 -12.59 0.70
CA ALA B 16 -3.81 -12.25 1.94
C ALA B 16 -2.37 -12.72 1.96
N ASP B 17 -1.59 -12.06 2.80
CA ASP B 17 -0.22 -12.43 3.10
C ASP B 17 0.73 -12.08 1.94
N PHE B 18 0.34 -11.09 1.14
CA PHE B 18 1.27 -10.46 0.19
C PHE B 18 1.72 -9.08 0.68
N LEU B 19 2.97 -8.76 0.35
CA LEU B 19 3.47 -7.41 0.59
C LEU B 19 4.12 -7.00 -0.75
N TYR B 20 3.74 -5.83 -1.20
CA TYR B 20 4.32 -5.25 -2.41
C TYR B 20 5.10 -4.02 -1.94
N ALA B 21 6.43 -4.08 -2.05
CA ALA B 21 7.26 -2.92 -1.71
C ALA B 21 7.68 -2.25 -3.03
N TYR B 22 6.88 -1.26 -3.41
CA TYR B 22 7.14 -0.52 -4.63
C TYR B 22 8.15 0.61 -4.33
N SER B 23 9.04 0.79 -5.29
CA SER B 23 10.07 1.85 -5.21
C SER B 23 9.48 3.26 -5.31
N THR B 24 8.28 3.42 -5.89
CA THR B 24 7.75 4.77 -6.14
C THR B 24 6.24 4.75 -6.05
N ALA B 25 5.63 5.91 -5.94
CA ALA B 25 4.18 6.06 -5.80
C ALA B 25 3.48 5.75 -7.11
N PRO B 26 2.21 5.35 -7.06
CA PRO B 26 1.49 5.05 -8.30
C PRO B 26 1.54 6.23 -9.28
N GLY B 27 1.84 5.99 -10.55
CA GLY B 27 1.77 7.02 -11.61
C GLY B 27 3.12 7.66 -11.86
N TYR B 28 4.12 7.43 -10.99
CA TYR B 28 5.38 8.15 -11.06
C TYR B 28 6.56 7.38 -11.60
N TYR B 29 7.53 8.14 -12.12
CA TYR B 29 8.83 7.61 -12.42
C TYR B 29 9.51 7.09 -11.15
N SER B 30 10.48 6.19 -11.28
CA SER B 30 11.37 5.74 -10.21
C SER B 30 12.79 6.05 -10.65
N TRP B 31 13.63 6.43 -9.69
CA TRP B 31 14.96 6.93 -10.08
C TRP B 31 16.07 5.97 -9.75
N ARG B 32 17.09 5.99 -10.60
CA ARG B 32 18.23 5.09 -10.53
C ARG B 32 19.49 5.91 -10.82
N ASN B 33 20.47 5.81 -9.91
CA ASN B 33 21.77 6.41 -10.14
C ASN B 33 22.61 5.45 -10.99
N SER B 34 23.15 5.97 -12.07
CA SER B 34 23.91 5.19 -13.06
C SER B 34 25.12 4.49 -12.46
N LYS B 35 25.74 4.97 -11.39
CA LYS B 35 26.86 4.33 -10.71
C LYS B 35 26.47 3.61 -9.42
N ASP B 36 25.62 4.20 -8.58
CA ASP B 36 25.29 3.68 -7.25
C ASP B 36 24.05 2.78 -7.22
N GLY B 37 23.26 2.72 -8.30
CA GLY B 37 22.09 1.88 -8.29
C GLY B 37 20.84 2.67 -7.99
N SER B 38 19.70 1.98 -7.98
CA SER B 38 18.45 2.71 -7.71
C SER B 38 18.38 3.22 -6.28
N TRP B 39 17.70 4.36 -6.13
CA TRP B 39 17.65 4.97 -4.78
C TRP B 39 16.99 4.04 -3.78
N PHE B 40 15.90 3.42 -4.23
CA PHE B 40 15.12 2.50 -3.39
C PHE B 40 15.90 1.27 -2.97
N ILE B 41 16.52 0.57 -3.92
CA ILE B 41 17.27 -0.62 -3.48
C ILE B 41 18.48 -0.23 -2.65
N GLN B 42 19.22 0.86 -2.98
CA GLN B 42 20.31 1.33 -2.12
C GLN B 42 19.79 1.47 -0.69
N SER B 43 18.65 2.13 -0.53
CA SER B 43 18.09 2.41 0.80
C SER B 43 17.56 1.17 1.48
N LEU B 44 16.90 0.27 0.72
CA LEU B 44 16.35 -0.97 1.26
C LEU B 44 17.48 -1.83 1.81
N CYS B 45 18.55 -2.03 1.02
CA CYS B 45 19.66 -2.88 1.52
C CYS B 45 20.30 -2.26 2.76
N ALA B 46 20.46 -0.93 2.74
CA ALA B 46 21.07 -0.29 3.91
C ALA B 46 20.23 -0.47 5.17
N MET B 47 18.91 -0.34 5.04
CA MET B 47 18.06 -0.41 6.23
C MET B 47 17.94 -1.85 6.71
N LEU B 48 17.98 -2.82 5.78
CA LEU B 48 17.94 -4.23 6.19
C LEU B 48 19.21 -4.57 6.94
N LYS B 49 20.35 -4.12 6.41
CA LYS B 49 21.64 -4.36 7.07
C LYS B 49 21.58 -3.81 8.48
N GLN B 50 21.05 -2.60 8.64
CA GLN B 50 21.10 -1.96 9.96
C GLN B 50 20.06 -2.48 10.93
N TYR B 51 18.87 -2.80 10.43
CA TYR B 51 17.74 -3.03 11.35
C TYR B 51 17.08 -4.38 11.25
N ALA B 52 17.41 -5.22 10.29
CA ALA B 52 16.69 -6.51 10.21
C ALA B 52 16.81 -7.36 11.48
N ASP B 53 17.84 -7.12 12.28
CA ASP B 53 18.11 -7.81 13.53
C ASP B 53 17.19 -7.33 14.64
N LYS B 54 16.40 -6.28 14.42
CA LYS B 54 15.70 -5.58 15.49
C LYS B 54 14.28 -5.18 15.17
N LEU B 55 14.06 -4.63 14.00
CA LEU B 55 12.76 -4.01 13.73
C LEU B 55 11.86 -4.87 12.87
N GLU B 56 10.57 -4.73 13.11
CA GLU B 56 9.60 -5.33 12.22
C GLU B 56 9.69 -4.75 10.83
N PHE B 57 9.38 -5.56 9.81
CA PHE B 57 9.63 -5.20 8.41
C PHE B 57 8.90 -3.94 8.01
N MET B 58 7.66 -3.70 8.44
CA MET B 58 7.01 -2.44 8.01
C MET B 58 7.74 -1.23 8.55
N HIS B 59 8.32 -1.39 9.73
CA HIS B 59 9.06 -0.29 10.34
C HIS B 59 10.36 -0.08 9.58
N ILE B 60 10.93 -1.15 9.02
CA ILE B 60 12.15 -1.04 8.22
C ILE B 60 11.77 -0.31 6.94
N LEU B 61 10.64 -0.73 6.35
CA LEU B 61 10.25 -0.08 5.10
C LEU B 61 9.89 1.39 5.30
N THR B 62 9.40 1.78 6.47
CA THR B 62 9.07 3.18 6.73
C THR B 62 10.38 3.98 6.79
N ARG B 63 11.43 3.42 7.39
CA ARG B 63 12.74 4.09 7.32
C ARG B 63 13.30 4.19 5.93
N VAL B 64 13.02 3.18 5.07
CA VAL B 64 13.43 3.25 3.66
C VAL B 64 12.70 4.42 2.99
N ASN B 65 11.38 4.51 3.26
CA ASN B 65 10.58 5.66 2.76
C ASN B 65 11.25 6.97 3.13
N ARG B 66 11.61 7.07 4.42
CA ARG B 66 12.23 8.32 4.90
C ARG B 66 13.56 8.60 4.21
N LYS B 67 14.42 7.58 4.07
CA LYS B 67 15.74 7.77 3.50
C LYS B 67 15.61 8.20 2.04
N VAL B 68 14.73 7.54 1.29
CA VAL B 68 14.53 7.88 -0.13
C VAL B 68 13.98 9.30 -0.24
N ALA B 69 12.99 9.60 0.58
CA ALA B 69 12.34 10.91 0.54
C ALA B 69 13.28 12.06 0.88
N THR B 70 14.24 11.82 1.79
CA THR B 70 14.97 12.97 2.30
C THR B 70 16.37 13.05 1.73
N GLU B 71 16.95 11.91 1.40
CA GLU B 71 18.37 11.96 1.08
C GLU B 71 18.71 11.96 -0.39
N PHE B 72 17.67 11.88 -1.21
CA PHE B 72 17.95 11.78 -2.64
C PHE B 72 17.18 12.87 -3.39
N GLU B 73 17.85 13.38 -4.41
CA GLU B 73 17.16 14.29 -5.36
C GLU B 73 17.84 14.11 -6.70
N SER B 74 17.09 14.13 -7.81
CA SER B 74 17.78 13.82 -9.06
C SER B 74 18.68 14.94 -9.56
N PHE B 75 19.72 14.49 -10.26
CA PHE B 75 20.73 15.36 -10.88
C PHE B 75 20.73 14.96 -12.36
N SER B 76 20.31 15.90 -13.20
CA SER B 76 20.20 15.60 -14.62
C SER B 76 20.63 16.80 -15.43
N PHE B 77 21.25 16.55 -16.59
CA PHE B 77 21.54 17.65 -17.52
C PHE B 77 20.25 18.11 -18.20
N ASP B 78 19.18 17.34 -18.10
CA ASP B 78 17.91 17.76 -18.71
C ASP B 78 17.07 18.44 -17.62
N ALA B 79 16.78 19.73 -17.79
CA ALA B 79 16.12 20.45 -16.70
C ALA B 79 14.82 19.74 -16.32
N THR B 80 14.15 19.14 -17.28
CA THR B 80 12.88 18.46 -17.06
C THR B 80 12.97 17.40 -15.97
N PHE B 81 14.14 16.81 -15.87
CA PHE B 81 14.32 15.65 -15.00
C PHE B 81 15.19 15.95 -13.79
N HIS B 82 15.55 17.22 -13.65
CA HIS B 82 16.49 17.66 -12.62
C HIS B 82 15.79 18.05 -11.32
N ALA B 83 16.40 17.77 -10.18
CA ALA B 83 15.89 18.19 -8.87
C ALA B 83 14.54 17.56 -8.51
N LYS B 84 14.29 16.37 -9.04
CA LYS B 84 13.09 15.63 -8.70
C LYS B 84 13.25 14.69 -7.52
N LYS B 85 12.13 14.30 -6.94
CA LYS B 85 12.07 13.56 -5.70
C LYS B 85 11.25 12.27 -5.86
N GLN B 86 11.33 11.41 -4.83
CA GLN B 86 10.66 10.12 -4.86
C GLN B 86 10.23 9.67 -3.48
N ILE B 87 9.06 9.06 -3.42
CA ILE B 87 8.59 8.38 -2.22
C ILE B 87 8.21 6.96 -2.63
N PRO B 88 8.77 5.92 -1.98
CA PRO B 88 8.32 4.56 -2.22
C PRO B 88 6.92 4.37 -1.67
N CYS B 89 6.36 3.20 -1.99
CA CYS B 89 4.95 2.96 -1.63
C CYS B 89 4.84 1.54 -1.11
N ILE B 90 4.53 1.35 0.15
CA ILE B 90 4.40 0.06 0.79
C ILE B 90 2.95 -0.39 0.66
N VAL B 91 2.72 -1.55 0.03
CA VAL B 91 1.37 -2.09 -0.10
C VAL B 91 1.26 -3.42 0.63
N SER B 92 0.59 -3.35 1.80
CA SER B 92 0.59 -4.54 2.63
C SER B 92 -0.79 -5.19 2.77
N MET B 93 -0.85 -6.44 2.35
CA MET B 93 -1.95 -7.37 2.62
C MET B 93 -1.54 -8.43 3.66
N LEU B 94 -0.49 -8.08 4.42
CA LEU B 94 -0.01 -9.00 5.44
C LEU B 94 -1.00 -9.03 6.59
N THR B 95 -1.05 -10.17 7.28
CA THR B 95 -1.99 -10.36 8.37
C THR B 95 -1.24 -10.47 9.71
N LYS B 96 0.11 -10.44 9.65
CA LYS B 96 0.92 -10.60 10.86
C LYS B 96 2.17 -9.72 10.75
N GLU B 97 2.84 -9.47 11.88
CA GLU B 97 4.14 -8.86 11.87
C GLU B 97 5.23 -9.80 11.34
N LEU B 98 6.20 -9.21 10.64
CA LEU B 98 7.28 -9.97 10.01
C LEU B 98 8.61 -9.55 10.65
N TYR B 99 9.30 -10.49 11.27
CA TYR B 99 10.64 -10.27 11.80
C TYR B 99 11.59 -11.22 11.08
N PHE B 100 12.73 -10.76 10.60
CA PHE B 100 13.65 -11.66 9.91
C PHE B 100 14.56 -12.44 10.87
N TYR B 101 14.36 -12.33 12.15
CA TYR B 101 15.06 -13.21 13.07
C TYR B 101 14.10 -14.12 13.80
N HIS B 102 14.50 -15.00 14.69
CA HIS B 102 13.46 -15.63 15.51
C HIS B 102 13.64 -15.51 17.01
N HIS B 103 12.55 -15.19 17.67
CA HIS B 103 12.53 -15.02 19.08
C HIS B 103 12.61 -13.54 19.38
N ASP C 6 14.39 10.78 15.46
CA ASP C 6 13.16 11.29 14.87
C ASP C 6 12.53 10.22 13.97
N ASN C 7 12.24 9.11 14.62
CA ASN C 7 11.61 8.08 13.81
C ASN C 7 10.07 8.11 13.94
N SER C 8 9.56 9.04 14.75
CA SER C 8 8.11 9.12 14.93
C SER C 8 7.58 10.52 14.62
N TYR C 9 6.42 10.56 13.98
CA TYR C 9 5.75 11.85 13.80
C TYR C 9 5.52 12.58 15.14
N LYS C 10 5.80 13.89 15.12
CA LYS C 10 5.48 14.81 16.19
C LYS C 10 3.95 14.91 16.37
N MET C 11 3.42 14.38 17.47
CA MET C 11 1.96 14.34 17.67
C MET C 11 1.58 15.17 18.91
N ASP C 12 2.48 16.06 19.33
CA ASP C 12 2.14 16.91 20.46
C ASP C 12 1.85 18.35 20.09
N TYR C 13 1.39 18.62 18.88
CA TYR C 13 0.76 19.92 18.58
C TYR C 13 -0.44 20.12 19.48
N PRO C 14 -0.92 21.36 19.60
CA PRO C 14 -2.10 21.63 20.44
C PRO C 14 -3.30 20.72 20.11
N GLU C 15 -3.42 20.40 18.82
CA GLU C 15 -4.55 19.63 18.28
C GLU C 15 -4.10 18.37 17.57
N MET C 16 -4.79 17.24 17.74
CA MET C 16 -4.44 16.04 16.99
C MET C 16 -4.73 16.27 15.52
N GLY C 17 -5.86 16.95 15.31
CA GLY C 17 -6.26 17.29 13.95
C GLY C 17 -7.73 17.05 13.67
N LEU C 18 -8.12 17.28 12.42
CA LEU C 18 -9.47 17.07 11.95
C LEU C 18 -9.62 15.60 11.53
N CYS C 19 -10.81 15.06 11.70
CA CYS C 19 -11.22 13.78 11.15
C CYS C 19 -12.56 14.04 10.44
N ILE C 20 -12.49 14.02 9.12
CA ILE C 20 -13.65 14.29 8.28
C ILE C 20 -14.25 12.95 7.87
N ILE C 21 -15.51 12.72 8.24
CA ILE C 21 -16.16 11.48 7.85
C ILE C 21 -17.24 11.76 6.81
N ILE C 22 -17.08 11.21 5.60
CA ILE C 22 -18.09 11.39 4.55
C ILE C 22 -18.86 10.08 4.37
N ASN C 23 -20.13 10.13 4.79
CA ASN C 23 -21.00 8.98 4.89
C ASN C 23 -22.12 9.07 3.86
N ASN C 24 -22.01 8.36 2.74
CA ASN C 24 -22.98 8.36 1.65
C ASN C 24 -23.79 7.09 1.66
N LYS C 25 -25.07 7.25 1.92
CA LYS C 25 -25.87 6.06 2.14
C LYS C 25 -26.90 5.90 1.02
N ASN C 26 -27.44 7.03 0.57
CA ASN C 26 -28.49 7.06 -0.44
C ASN C 26 -28.02 7.67 -1.76
N PHE C 27 -28.23 6.95 -2.85
CA PHE C 27 -27.74 7.42 -4.13
C PHE C 27 -28.88 7.74 -5.09
N HIS C 28 -28.57 8.77 -5.89
CA HIS C 28 -29.53 9.26 -6.89
C HIS C 28 -30.04 8.04 -7.66
N LYS C 29 -31.36 8.03 -7.89
CA LYS C 29 -31.89 6.93 -8.71
C LYS C 29 -31.24 6.96 -10.08
N SER C 30 -30.78 8.12 -10.55
CA SER C 30 -29.88 8.20 -11.69
C SER C 30 -28.79 7.13 -11.57
N THR C 31 -27.83 7.27 -10.67
CA THR C 31 -26.69 6.38 -10.48
C THR C 31 -27.00 4.90 -10.57
N GLY C 32 -28.13 4.43 -10.02
CA GLY C 32 -28.43 3.00 -10.06
C GLY C 32 -27.86 2.25 -8.87
N MET C 33 -27.20 2.98 -7.98
CA MET C 33 -26.62 2.32 -6.81
C MET C 33 -27.63 2.12 -5.70
N THR C 34 -27.48 1.00 -5.00
CA THR C 34 -28.47 0.72 -3.95
C THR C 34 -27.99 1.22 -2.60
N SER C 35 -28.96 1.55 -1.75
CA SER C 35 -28.82 2.03 -0.39
C SER C 35 -27.77 1.28 0.41
N ARG C 36 -26.89 1.96 1.17
CA ARG C 36 -25.79 1.25 1.85
C ARG C 36 -26.14 1.03 3.32
N SER C 37 -27.06 0.06 3.52
CA SER C 37 -27.54 -0.26 4.88
C SER C 37 -26.37 -0.68 5.77
N GLY C 38 -26.35 -0.17 6.99
CA GLY C 38 -25.26 -0.42 7.92
C GLY C 38 -24.25 0.71 7.95
N THR C 39 -24.25 1.58 6.93
CA THR C 39 -23.20 2.60 6.95
C THR C 39 -23.37 3.59 8.09
N ASP C 40 -24.58 3.83 8.60
CA ASP C 40 -24.68 4.76 9.73
C ASP C 40 -24.05 4.20 11.01
N VAL C 41 -24.04 2.90 11.19
CA VAL C 41 -23.35 2.28 12.32
C VAL C 41 -21.86 2.57 12.21
N ASP C 42 -21.33 2.39 10.99
CA ASP C 42 -19.92 2.68 10.77
C ASP C 42 -19.59 4.14 11.07
N ALA C 43 -20.42 5.04 10.57
CA ALA C 43 -20.18 6.47 10.74
C ALA C 43 -20.16 6.84 12.22
N ALA C 44 -21.11 6.29 12.97
CA ALA C 44 -21.21 6.60 14.39
C ALA C 44 -20.07 5.95 15.15
N ASN C 45 -19.66 4.77 14.75
CA ASN C 45 -18.52 4.10 15.39
C ASN C 45 -17.22 4.86 15.16
N LEU C 46 -17.04 5.37 13.95
CA LEU C 46 -15.83 6.14 13.64
C LEU C 46 -15.82 7.42 14.45
N ARG C 47 -16.98 8.08 14.52
CA ARG C 47 -17.03 9.36 15.24
C ARG C 47 -16.59 9.19 16.68
N GLU C 48 -17.06 8.10 17.32
CA GLU C 48 -16.71 7.85 18.71
C GLU C 48 -15.26 7.41 18.88
N THR C 49 -14.78 6.56 17.97
CA THR C 49 -13.37 6.13 17.99
C THR C 49 -12.41 7.29 17.86
N PHE C 50 -12.64 8.15 16.85
CA PHE C 50 -11.71 9.28 16.69
C PHE C 50 -11.94 10.38 17.74
N ARG C 51 -13.14 10.52 18.29
CA ARG C 51 -13.31 11.41 19.45
C ARG C 51 -12.40 11.00 20.59
N ASN C 52 -12.34 9.69 20.85
CA ASN C 52 -11.50 9.23 21.94
C ASN C 52 -10.01 9.38 21.66
N LEU C 53 -9.65 9.50 20.41
CA LEU C 53 -8.27 9.76 20.00
C LEU C 53 -7.99 11.27 19.99
N LYS C 54 -9.00 12.08 20.31
CA LYS C 54 -8.93 13.52 20.47
C LYS C 54 -8.84 14.28 19.14
N TYR C 55 -9.43 13.66 18.13
CA TYR C 55 -9.61 14.33 16.86
C TYR C 55 -10.86 15.19 16.84
N GLU C 56 -10.79 16.32 16.13
CA GLU C 56 -11.99 17.12 15.92
C GLU C 56 -12.78 16.47 14.79
N VAL C 57 -13.83 15.73 15.12
CA VAL C 57 -14.57 15.01 14.09
C VAL C 57 -15.68 15.86 13.48
N ARG C 58 -15.81 15.79 12.16
CA ARG C 58 -16.89 16.38 11.37
C ARG C 58 -17.55 15.30 10.53
N ASN C 59 -18.81 15.02 10.85
CA ASN C 59 -19.57 14.04 10.10
C ASN C 59 -20.42 14.71 9.02
N LYS C 60 -20.26 14.25 7.79
CA LYS C 60 -21.08 14.76 6.69
C LYS C 60 -21.81 13.60 6.01
N ASN C 61 -23.10 13.80 5.72
CA ASN C 61 -23.91 12.74 5.16
C ASN C 61 -24.44 13.03 3.76
N ASP C 62 -24.38 12.02 2.89
CA ASP C 62 -25.03 12.00 1.57
C ASP C 62 -24.66 13.22 0.73
N LEU C 63 -23.36 13.29 0.43
CA LEU C 63 -22.80 14.40 -0.33
C LEU C 63 -22.75 14.14 -1.81
N THR C 64 -23.20 15.07 -2.67
CA THR C 64 -22.96 14.87 -4.09
C THR C 64 -21.47 14.90 -4.43
N ARG C 65 -21.09 14.48 -5.65
CA ARG C 65 -19.67 14.57 -5.95
C ARG C 65 -19.19 16.01 -5.92
N GLU C 66 -20.03 16.99 -6.28
CA GLU C 66 -19.55 18.39 -6.22
C GLU C 66 -19.32 18.83 -4.77
N GLU C 67 -20.23 18.43 -3.89
CA GLU C 67 -20.05 18.81 -2.48
C GLU C 67 -18.82 18.13 -1.89
N ILE C 68 -18.50 16.90 -2.28
CA ILE C 68 -17.26 16.29 -1.77
C ILE C 68 -16.05 17.10 -2.21
N VAL C 69 -15.97 17.47 -3.50
CA VAL C 69 -14.82 18.25 -3.97
C VAL C 69 -14.77 19.59 -3.28
N GLU C 70 -15.92 20.28 -3.17
CA GLU C 70 -15.84 21.56 -2.47
C GLU C 70 -15.52 21.38 -1.00
N LEU C 71 -16.00 20.35 -0.32
CA LEU C 71 -15.65 20.23 1.11
C LEU C 71 -14.16 20.00 1.30
N MET C 72 -13.59 19.14 0.47
CA MET C 72 -12.20 18.71 0.70
C MET C 72 -11.27 19.85 0.30
N ARG C 73 -11.63 20.60 -0.74
CA ARG C 73 -10.91 21.80 -1.11
C ARG C 73 -10.94 22.78 0.06
N ASP C 74 -12.14 23.00 0.59
CA ASP C 74 -12.25 23.98 1.68
C ASP C 74 -11.43 23.56 2.90
N VAL C 75 -11.55 22.31 3.31
CA VAL C 75 -10.78 21.80 4.45
C VAL C 75 -9.28 21.93 4.20
N SER C 76 -8.80 21.72 2.97
CA SER C 76 -7.39 21.81 2.60
C SER C 76 -6.89 23.25 2.66
N LYS C 77 -7.77 24.24 2.62
CA LYS C 77 -7.39 25.64 2.76
C LYS C 77 -7.50 26.20 4.17
N GLU C 78 -7.91 25.40 5.14
CA GLU C 78 -7.83 25.82 6.54
C GLU C 78 -6.37 25.87 6.98
N ASP C 79 -6.15 26.46 8.15
CA ASP C 79 -4.81 26.54 8.73
C ASP C 79 -4.67 25.36 9.70
N HIS C 80 -3.89 24.37 9.31
CA HIS C 80 -3.62 23.20 10.13
C HIS C 80 -2.33 23.33 10.94
N SER C 81 -1.82 24.55 11.12
CA SER C 81 -0.54 24.76 11.78
C SER C 81 -0.51 24.21 13.19
N LYS C 82 -1.63 24.31 13.91
CA LYS C 82 -1.59 23.78 15.26
C LYS C 82 -2.10 22.35 15.32
N ARG C 83 -2.26 21.70 14.18
CA ARG C 83 -2.73 20.31 14.14
C ARG C 83 -1.60 19.31 13.83
N SER C 84 -1.61 18.13 14.48
CA SER C 84 -0.56 17.15 14.26
C SER C 84 -0.71 16.34 12.99
N SER C 85 -1.95 16.17 12.57
CA SER C 85 -2.27 15.20 11.52
C SER C 85 -3.61 15.59 10.87
N PHE C 86 -3.97 14.82 9.86
CA PHE C 86 -5.27 14.94 9.17
C PHE C 86 -5.82 13.56 8.84
N VAL C 87 -7.12 13.37 9.14
CA VAL C 87 -7.76 12.11 8.76
C VAL C 87 -9.02 12.38 7.95
N CYS C 88 -9.21 11.64 6.88
CA CYS C 88 -10.45 11.62 6.09
C CYS C 88 -10.94 10.19 5.93
N VAL C 89 -12.21 9.97 6.21
CA VAL C 89 -12.84 8.68 6.03
C VAL C 89 -13.95 8.76 4.99
N LEU C 90 -13.86 7.91 3.97
CA LEU C 90 -14.86 7.87 2.89
C LEU C 90 -15.64 6.56 2.96
N LEU C 91 -16.96 6.66 3.13
CA LEU C 91 -17.84 5.49 3.15
C LEU C 91 -18.81 5.60 1.99
N SER C 92 -18.66 4.72 1.00
CA SER C 92 -19.49 4.89 -0.19
C SER C 92 -19.29 3.73 -1.15
N HIS C 93 -20.02 3.82 -2.26
CA HIS C 93 -19.76 2.91 -3.37
CA HIS C 93 -19.75 2.91 -3.36
C HIS C 93 -18.45 3.39 -4.01
N GLY C 94 -17.77 2.51 -4.73
CA GLY C 94 -16.56 2.89 -5.42
C GLY C 94 -16.20 1.96 -6.56
N GLU C 95 -15.14 2.34 -7.25
CA GLU C 95 -14.51 1.53 -8.28
C GLU C 95 -13.01 1.73 -8.08
N GLU C 96 -12.15 1.01 -8.80
CA GLU C 96 -10.73 1.23 -8.54
C GLU C 96 -10.36 2.70 -8.72
N GLY C 97 -9.80 3.38 -7.71
CA GLY C 97 -9.38 4.79 -7.78
C GLY C 97 -10.49 5.83 -7.80
N ILE C 98 -11.71 5.36 -7.54
CA ILE C 98 -12.94 6.17 -7.67
C ILE C 98 -13.83 6.06 -6.44
N ILE C 99 -14.34 7.21 -5.97
CA ILE C 99 -15.32 7.17 -4.88
C ILE C 99 -16.64 7.76 -5.38
N PHE C 100 -17.79 7.29 -4.87
CA PHE C 100 -19.00 7.89 -5.45
C PHE C 100 -19.60 8.93 -4.51
N GLY C 101 -19.87 10.10 -5.08
CA GLY C 101 -20.82 11.02 -4.46
C GLY C 101 -22.22 10.44 -4.68
N THR C 102 -23.27 10.99 -4.08
CA THR C 102 -24.62 10.43 -4.22
C THR C 102 -25.11 10.50 -5.65
N ASN C 103 -24.49 11.35 -6.48
CA ASN C 103 -24.94 11.44 -7.87
C ASN C 103 -23.92 10.99 -8.89
N GLY C 104 -22.81 10.34 -8.57
CA GLY C 104 -21.79 10.12 -9.58
C GLY C 104 -20.37 10.10 -9.01
N PRO C 105 -19.48 9.54 -9.81
CA PRO C 105 -18.11 9.29 -9.38
C PRO C 105 -17.21 10.51 -9.28
N VAL C 106 -16.30 10.40 -8.33
CA VAL C 106 -15.17 11.29 -8.11
C VAL C 106 -13.83 10.53 -8.05
N ASP C 107 -12.81 11.01 -8.77
CA ASP C 107 -11.50 10.39 -8.67
C ASP C 107 -10.91 10.60 -7.29
N LEU C 108 -10.42 9.54 -6.63
CA LEU C 108 -9.79 9.74 -5.33
C LEU C 108 -8.59 10.70 -5.43
N LYS C 109 -7.84 10.67 -6.52
CA LYS C 109 -6.71 11.54 -6.75
C LYS C 109 -7.08 13.01 -6.66
N LYS C 110 -8.27 13.31 -7.20
CA LYS C 110 -8.68 14.71 -7.16
C LYS C 110 -8.85 15.18 -5.73
N ILE C 111 -9.40 14.30 -4.88
CA ILE C 111 -9.58 14.61 -3.48
C ILE C 111 -8.24 14.68 -2.76
N THR C 112 -7.39 13.67 -2.93
CA THR C 112 -6.15 13.67 -2.13
C THR C 112 -5.18 14.72 -2.64
N ASN C 113 -5.32 15.18 -3.90
CA ASN C 113 -4.36 16.18 -4.38
C ASN C 113 -4.42 17.51 -3.65
N PHE C 114 -5.60 17.88 -3.14
CA PHE C 114 -5.72 19.08 -2.33
C PHE C 114 -4.79 19.05 -1.14
N PHE C 115 -4.38 17.88 -0.66
CA PHE C 115 -3.54 17.80 0.54
C PHE C 115 -2.07 17.57 0.25
N ARG C 116 -1.65 17.56 -1.02
CA ARG C 116 -0.24 17.28 -1.35
C ARG C 116 0.68 18.26 -0.61
N GLY C 117 1.92 17.83 -0.29
CA GLY C 117 2.80 18.72 0.45
C GLY C 117 2.98 20.11 -0.11
N ASP C 118 2.93 20.27 -1.43
CA ASP C 118 3.04 21.61 -2.00
C ASP C 118 1.75 22.40 -1.97
N ARG C 119 0.60 21.78 -1.73
CA ARG C 119 -0.64 22.54 -1.94
C ARG C 119 -1.36 22.78 -0.62
N CYS C 120 -1.00 22.04 0.42
CA CYS C 120 -1.52 22.26 1.77
C CYS C 120 -0.30 22.39 2.69
N ARG C 121 0.26 23.60 2.72
CA ARG C 121 1.54 23.80 3.39
C ARG C 121 1.47 23.57 4.88
N SER C 122 0.34 23.80 5.53
CA SER C 122 0.32 23.61 6.98
C SER C 122 0.15 22.15 7.42
N LEU C 123 0.09 21.24 6.46
CA LEU C 123 0.13 19.79 6.69
C LEU C 123 1.42 19.16 6.13
N THR C 124 2.29 19.92 5.50
CA THR C 124 3.56 19.43 5.00
C THR C 124 4.30 18.77 6.15
N GLY C 125 4.81 17.57 5.94
CA GLY C 125 5.56 16.82 6.93
C GLY C 125 4.69 16.13 7.98
N LYS C 126 3.36 16.29 7.88
CA LYS C 126 2.45 15.69 8.88
C LYS C 126 1.69 14.53 8.25
N PRO C 127 1.34 13.51 9.04
CA PRO C 127 0.64 12.36 8.42
C PRO C 127 -0.78 12.71 8.00
N LYS C 128 -1.07 12.36 6.75
CA LYS C 128 -2.39 12.52 6.13
C LYS C 128 -2.98 11.14 5.81
N LEU C 129 -4.01 10.74 6.54
CA LEU C 129 -4.62 9.44 6.49
C LEU C 129 -6.00 9.46 5.84
N PHE C 130 -6.08 8.62 4.82
CA PHE C 130 -7.31 8.44 4.11
C PHE C 130 -7.80 6.99 4.27
N ILE C 131 -8.95 6.86 4.88
CA ILE C 131 -9.55 5.55 5.16
C ILE C 131 -10.72 5.37 4.24
N ILE C 132 -10.64 4.29 3.44
CA ILE C 132 -11.61 4.16 2.36
C ILE C 132 -12.35 2.82 2.37
N GLN C 133 -13.62 3.00 2.74
CA GLN C 133 -14.58 1.91 2.72
C GLN C 133 -15.45 2.05 1.46
N ALA C 134 -15.03 1.30 0.44
CA ALA C 134 -15.65 1.29 -0.88
C ALA C 134 -15.11 0.14 -1.74
N CYS C 135 -15.92 -0.32 -2.70
CA CYS C 135 -15.44 -1.34 -3.63
C CYS C 135 -14.34 -0.79 -4.55
N ARG C 136 -13.54 -1.71 -5.04
CA ARG C 136 -12.44 -1.33 -5.93
C ARG C 136 -12.50 -2.13 -7.22
N GLY C 137 -13.70 -2.63 -7.50
CA GLY C 137 -13.90 -3.47 -8.68
C GLY C 137 -14.95 -4.54 -8.35
N THR C 138 -15.01 -5.55 -9.21
CA THR C 138 -16.00 -6.60 -9.05
C THR C 138 -15.41 -8.01 -8.97
N GLU C 139 -14.15 -8.13 -8.54
CA GLU C 139 -13.61 -9.47 -8.24
C GLU C 139 -14.11 -9.92 -6.86
N LEU C 140 -14.29 -11.23 -6.74
CA LEU C 140 -14.73 -11.99 -5.58
C LEU C 140 -13.60 -12.89 -5.07
N ASP C 141 -13.33 -12.86 -3.76
CA ASP C 141 -12.29 -13.70 -3.19
C ASP C 141 -12.94 -14.93 -2.55
N CYS C 142 -12.67 -16.10 -3.13
CA CYS C 142 -13.37 -17.30 -2.67
C CYS C 142 -12.70 -17.91 -1.48
N GLY C 143 -11.49 -17.42 -1.23
CA GLY C 143 -10.82 -17.95 -0.07
C GLY C 143 -10.15 -19.28 -0.38
N ILE C 144 -9.32 -19.67 0.59
CA ILE C 144 -8.65 -20.97 0.66
C ILE C 144 -8.75 -21.49 2.10
N GLU C 145 -9.25 -22.70 2.27
CA GLU C 145 -9.34 -23.37 3.54
C GLU C 145 -7.98 -23.47 4.23
N THR C 146 -7.99 -23.06 5.51
CA THR C 146 -6.75 -23.19 6.26
C THR C 146 -6.85 -24.42 7.19
N LYS D 11 14.12 19.53 1.20
CA LYS D 11 12.97 19.21 0.34
C LYS D 11 12.39 17.80 0.46
N ILE D 12 11.09 17.62 0.49
CA ILE D 12 10.46 16.29 0.50
C ILE D 12 9.50 16.11 -0.67
N PRO D 13 9.25 14.84 -1.01
CA PRO D 13 8.31 14.58 -2.11
C PRO D 13 6.91 15.07 -1.79
N VAL D 14 6.18 15.60 -2.77
CA VAL D 14 4.82 16.12 -2.51
C VAL D 14 3.85 14.98 -2.20
N GLU D 15 4.18 13.74 -2.56
CA GLU D 15 3.31 12.60 -2.21
C GLU D 15 3.71 11.93 -0.91
N ALA D 16 4.78 12.42 -0.23
CA ALA D 16 5.16 11.81 1.04
C ALA D 16 4.11 12.11 2.13
N ASP D 17 4.10 11.24 3.13
CA ASP D 17 3.36 11.33 4.37
C ASP D 17 1.86 11.16 4.20
N PHE D 18 1.49 10.41 3.15
CA PHE D 18 0.11 9.95 3.04
C PHE D 18 0.03 8.46 3.42
N LEU D 19 -1.11 8.08 4.00
CA LEU D 19 -1.41 6.66 4.22
C LEU D 19 -2.83 6.44 3.67
N TYR D 20 -2.98 5.42 2.85
CA TYR D 20 -4.30 5.05 2.33
C TYR D 20 -4.66 3.69 2.94
N ALA D 21 -5.67 3.65 3.79
CA ALA D 21 -6.11 2.40 4.40
C ALA D 21 -7.37 1.98 3.63
N TYR D 22 -7.16 1.18 2.59
CA TYR D 22 -8.26 0.65 1.81
C TYR D 22 -8.90 -0.55 2.48
N SER D 23 -10.23 -0.59 2.43
CA SER D 23 -10.98 -1.73 3.00
C SER D 23 -10.72 -3.06 2.27
N THR D 24 -10.29 -3.06 1.01
CA THR D 24 -10.18 -4.25 0.17
C THR D 24 -9.04 -4.13 -0.84
N ALA D 25 -8.65 -5.29 -1.40
CA ALA D 25 -7.54 -5.35 -2.34
C ALA D 25 -7.94 -4.71 -3.68
N PRO D 26 -6.98 -4.21 -4.45
CA PRO D 26 -7.33 -3.61 -5.73
C PRO D 26 -8.08 -4.58 -6.64
N GLY D 27 -9.15 -4.09 -7.29
CA GLY D 27 -9.95 -4.89 -8.18
C GLY D 27 -11.13 -5.60 -7.55
N TYR D 28 -11.20 -5.61 -6.21
CA TYR D 28 -12.23 -6.45 -5.57
C TYR D 28 -13.40 -5.76 -4.93
N TYR D 29 -14.51 -6.49 -4.75
CA TYR D 29 -15.60 -5.93 -3.94
C TYR D 29 -15.20 -5.69 -2.49
N SER D 30 -15.92 -4.83 -1.80
CA SER D 30 -15.76 -4.66 -0.36
C SER D 30 -17.08 -4.98 0.34
N TRP D 31 -17.08 -5.57 1.52
CA TRP D 31 -18.30 -6.15 2.10
C TRP D 31 -18.80 -5.36 3.28
N ARG D 32 -20.12 -5.28 3.40
CA ARG D 32 -20.77 -4.48 4.42
C ARG D 32 -21.90 -5.30 5.00
N ASN D 33 -21.92 -5.44 6.32
CA ASN D 33 -23.09 -6.09 6.91
C ASN D 33 -24.19 -5.06 7.11
N SER D 34 -25.37 -5.46 6.63
CA SER D 34 -26.47 -4.51 6.63
C SER D 34 -26.90 -4.12 8.04
N LYS D 35 -26.61 -4.88 9.09
CA LYS D 35 -26.91 -4.46 10.46
C LYS D 35 -25.71 -3.92 11.22
N ASP D 36 -24.54 -4.54 11.07
CA ASP D 36 -23.42 -4.16 11.93
C ASP D 36 -22.43 -3.28 11.19
N GLY D 37 -22.65 -3.00 9.90
CA GLY D 37 -21.70 -2.12 9.24
C GLY D 37 -20.63 -2.84 8.47
N SER D 38 -19.69 -2.06 7.88
CA SER D 38 -18.68 -2.70 7.04
C SER D 38 -17.68 -3.47 7.90
N TRP D 39 -17.25 -4.56 7.27
CA TRP D 39 -16.32 -5.46 7.98
C TRP D 39 -15.07 -4.71 8.39
N PHE D 40 -14.61 -3.89 7.44
CA PHE D 40 -13.35 -3.17 7.66
C PHE D 40 -13.49 -2.12 8.74
N ILE D 41 -14.55 -1.32 8.68
CA ILE D 41 -14.72 -0.25 9.70
C ILE D 41 -14.98 -0.87 11.07
N GLN D 42 -15.80 -1.91 11.13
CA GLN D 42 -16.00 -2.57 12.42
C GLN D 42 -14.65 -3.02 13.00
N SER D 43 -13.85 -3.62 12.14
CA SER D 43 -12.54 -4.12 12.61
C SER D 43 -11.58 -2.98 12.94
N LEU D 44 -11.52 -1.93 12.12
CA LEU D 44 -10.66 -0.79 12.40
C LEU D 44 -11.00 -0.12 13.71
N CYS D 45 -12.30 0.11 13.95
CA CYS D 45 -12.65 0.76 15.21
C CYS D 45 -12.31 -0.11 16.41
N ALA D 46 -12.58 -1.42 16.26
CA ALA D 46 -12.25 -2.33 17.36
C ALA D 46 -10.74 -2.37 17.69
N MET D 47 -9.90 -2.40 16.64
CA MET D 47 -8.44 -2.48 16.87
C MET D 47 -7.91 -1.15 17.37
N LEU D 48 -8.49 -0.02 16.90
CA LEU D 48 -8.05 1.25 17.46
C LEU D 48 -8.45 1.35 18.94
N LYS D 49 -9.66 0.89 19.27
CA LYS D 49 -10.07 0.96 20.67
C LYS D 49 -9.15 0.16 21.58
N GLN D 50 -8.75 -0.99 21.06
CA GLN D 50 -7.97 -1.94 21.84
C GLN D 50 -6.49 -1.57 21.92
N TYR D 51 -5.94 -0.98 20.86
CA TYR D 51 -4.52 -0.90 20.70
C TYR D 51 -3.94 0.51 20.50
N ALA D 52 -4.77 1.54 20.23
CA ALA D 52 -4.21 2.86 19.91
C ALA D 52 -3.38 3.43 21.05
N ASP D 53 -3.60 2.94 22.30
CA ASP D 53 -2.82 3.50 23.39
C ASP D 53 -1.44 2.84 23.49
N LYS D 54 -1.13 1.97 22.50
CA LYS D 54 0.20 1.37 22.65
C LYS D 54 0.85 0.97 21.34
N LEU D 55 0.16 0.59 20.30
CA LEU D 55 0.81 0.12 19.07
C LEU D 55 0.95 1.19 17.99
N GLU D 56 1.99 1.07 17.16
CA GLU D 56 2.19 1.98 16.04
C GLU D 56 1.09 1.69 15.03
N PHE D 57 0.72 2.68 14.23
CA PHE D 57 -0.49 2.48 13.43
C PHE D 57 -0.37 1.39 12.38
N MET D 58 0.79 1.22 11.74
CA MET D 58 0.83 0.11 10.76
C MET D 58 0.56 -1.24 11.40
N HIS D 59 0.98 -1.38 12.68
CA HIS D 59 0.76 -2.66 13.39
C HIS D 59 -0.71 -2.83 13.79
N ILE D 60 -1.38 -1.72 14.10
CA ILE D 60 -2.82 -1.78 14.31
C ILE D 60 -3.49 -2.20 13.01
N LEU D 61 -3.10 -1.58 11.90
CA LEU D 61 -3.71 -1.90 10.61
C LEU D 61 -3.43 -3.36 10.21
N THR D 62 -2.26 -3.91 10.56
CA THR D 62 -2.00 -5.33 10.29
C THR D 62 -2.95 -6.25 11.09
N ARG D 63 -3.26 -5.90 12.35
CA ARG D 63 -4.28 -6.64 13.11
C ARG D 63 -5.68 -6.48 12.50
N VAL D 64 -5.94 -5.31 11.92
CA VAL D 64 -7.21 -5.11 11.19
C VAL D 64 -7.25 -6.03 9.97
N ASN D 65 -6.14 -6.11 9.20
CA ASN D 65 -6.05 -7.10 8.14
C ASN D 65 -6.38 -8.52 8.63
N ARG D 66 -5.75 -8.92 9.74
CA ARG D 66 -5.96 -10.28 10.25
C ARG D 66 -7.41 -10.48 10.68
N LYS D 67 -7.98 -9.53 11.38
CA LYS D 67 -9.38 -9.69 11.83
C LYS D 67 -10.32 -9.78 10.65
N VAL D 68 -10.21 -8.89 9.66
CA VAL D 68 -11.09 -8.98 8.48
C VAL D 68 -10.93 -10.29 7.72
N ALA D 69 -9.69 -10.75 7.54
CA ALA D 69 -9.35 -11.96 6.81
C ALA D 69 -9.82 -13.24 7.48
N THR D 70 -9.82 -13.26 8.81
CA THR D 70 -10.14 -14.55 9.45
C THR D 70 -11.52 -14.63 10.08
N GLU D 71 -12.07 -13.49 10.50
CA GLU D 71 -13.31 -13.59 11.29
C GLU D 71 -14.54 -13.33 10.46
N PHE D 72 -14.43 -12.96 9.20
CA PHE D 72 -15.57 -12.61 8.36
C PHE D 72 -15.63 -13.44 7.08
N GLU D 73 -16.87 -13.81 6.76
CA GLU D 73 -17.19 -14.50 5.53
C GLU D 73 -18.63 -14.15 5.17
N SER D 74 -18.85 -13.84 3.89
CA SER D 74 -20.19 -13.33 3.55
C SER D 74 -21.24 -14.42 3.66
N PHE D 75 -22.40 -13.90 4.05
CA PHE D 75 -23.63 -14.69 4.08
C PHE D 75 -24.63 -14.02 3.12
N SER D 76 -25.07 -14.74 2.11
CA SER D 76 -25.98 -14.12 1.15
C SER D 76 -26.99 -15.14 0.63
N PHE D 77 -28.22 -14.66 0.39
CA PHE D 77 -29.20 -15.56 -0.20
C PHE D 77 -28.86 -15.85 -1.67
N ASP D 78 -28.00 -14.98 -2.23
CA ASP D 78 -27.48 -15.16 -3.57
C ASP D 78 -26.15 -15.92 -3.54
N ALA D 79 -26.18 -17.11 -4.16
CA ALA D 79 -25.05 -18.03 -4.13
C ALA D 79 -23.79 -17.40 -4.70
N THR D 80 -24.02 -16.47 -5.63
CA THR D 80 -22.96 -15.76 -6.33
C THR D 80 -22.08 -14.99 -5.34
N PHE D 81 -22.70 -14.44 -4.29
CA PHE D 81 -22.04 -13.56 -3.34
C PHE D 81 -21.87 -14.20 -1.97
N HIS D 82 -22.12 -15.51 -1.87
CA HIS D 82 -22.13 -16.22 -0.59
C HIS D 82 -20.78 -16.85 -0.29
N ALA D 83 -20.37 -16.85 0.98
CA ALA D 83 -19.09 -17.46 1.41
C ALA D 83 -17.88 -16.78 0.79
N LYS D 84 -17.92 -15.45 0.62
CA LYS D 84 -16.76 -14.72 0.11
C LYS D 84 -15.95 -14.08 1.25
N LYS D 85 -14.70 -13.80 0.89
CA LYS D 85 -13.71 -13.33 1.83
C LYS D 85 -13.20 -11.95 1.47
N GLN D 86 -12.50 -11.31 2.38
CA GLN D 86 -11.92 -9.97 2.14
C GLN D 86 -10.58 -9.81 2.81
N ILE D 87 -9.64 -9.17 2.11
CA ILE D 87 -8.40 -8.69 2.75
C ILE D 87 -8.29 -7.18 2.52
N PRO D 88 -8.10 -6.35 3.55
CA PRO D 88 -7.86 -4.92 3.35
C PRO D 88 -6.46 -4.67 2.73
N CYS D 89 -6.20 -3.44 2.34
CA CYS D 89 -4.93 -3.12 1.64
C CYS D 89 -4.37 -1.84 2.20
N ILE D 90 -3.28 -1.93 2.91
CA ILE D 90 -2.58 -0.78 3.50
C ILE D 90 -1.62 -0.22 2.47
N VAL D 91 -1.79 1.07 2.14
CA VAL D 91 -0.82 1.68 1.23
C VAL D 91 -0.18 2.83 1.95
N SER D 92 1.11 2.69 2.31
CA SER D 92 1.79 3.70 3.12
C SER D 92 2.92 4.39 2.34
N MET D 93 2.71 5.72 2.26
CA MET D 93 3.79 6.60 1.81
C MET D 93 4.31 7.37 3.04
N LEU D 94 4.12 6.78 4.23
CA LEU D 94 4.56 7.49 5.43
C LEU D 94 6.08 7.40 5.57
N THR D 95 6.63 8.39 6.27
CA THR D 95 8.08 8.46 6.40
C THR D 95 8.51 8.27 7.86
N LYS D 96 7.49 8.25 8.72
CA LYS D 96 7.77 8.03 10.14
C LYS D 96 6.75 7.10 10.77
N GLU D 97 7.04 6.56 11.94
CA GLU D 97 6.09 5.85 12.78
C GLU D 97 5.02 6.79 13.33
N LEU D 98 3.80 6.30 13.36
CA LEU D 98 2.62 7.06 13.81
C LEU D 98 2.02 6.38 15.06
N TYR D 99 2.01 7.14 16.16
CA TYR D 99 1.38 6.78 17.41
C TYR D 99 0.31 7.83 17.73
N PHE D 100 -0.81 7.35 18.24
CA PHE D 100 -1.96 8.20 18.53
C PHE D 100 -1.92 8.66 19.96
N TYR D 101 -0.75 8.58 20.53
CA TYR D 101 -0.54 9.15 21.84
C TYR D 101 0.82 9.85 21.78
N HIS D 102 1.16 10.47 22.91
CA HIS D 102 2.39 11.26 23.02
C HIS D 102 3.05 10.93 24.36
N HIS D 103 4.38 11.00 24.35
CA HIS D 103 5.13 10.98 25.59
C HIS D 103 5.32 12.38 26.18
C ACE E 1 25.70 10.08 -12.11
O ACE E 1 26.75 9.44 -11.97
CH3 ACE E 1 25.11 10.81 -10.94
N LEU E 2 25.08 10.16 -13.27
CA LEU E 2 23.80 10.84 -13.33
C LEU E 2 22.60 9.98 -12.92
N ASP E 3 21.46 10.62 -12.66
CA ASP E 3 20.28 9.85 -12.29
C ASP E 3 19.49 9.51 -13.55
N GLU E 4 18.93 8.33 -13.66
CA GLU E 4 18.16 7.98 -14.84
C GLU E 4 16.80 7.50 -14.37
N SER E 5 15.76 7.64 -15.19
CA SER E 5 14.50 7.00 -14.78
C SER E 5 14.27 5.57 -15.26
N ASA E 6 13.45 4.86 -14.51
CA ASA E 6 12.95 3.53 -14.73
C ASA E 6 11.47 3.35 -15.02
O ASA E 6 11.03 2.35 -15.62
CB ASA E 6 13.15 2.70 -13.42
CG ASA E 6 14.49 2.01 -13.34
OD1 ASA E 6 15.15 1.95 -14.41
OD2 ASA E 6 14.89 1.55 -12.26
C ACE F 1 -27.35 -9.88 7.71
O ACE F 1 -27.83 -9.40 8.74
CH3 ACE F 1 -26.31 -10.98 7.76
N LEU F 2 -27.72 -9.47 6.50
CA LEU F 2 -27.06 -10.09 5.38
C LEU F 2 -25.91 -9.23 4.90
N ASP F 3 -24.98 -9.88 4.20
CA ASP F 3 -23.86 -9.06 3.70
C ASP F 3 -24.17 -8.52 2.31
N GLU F 4 -23.67 -7.32 2.05
CA GLU F 4 -23.87 -6.62 0.81
C GLU F 4 -22.52 -6.06 0.34
N SER F 5 -22.42 -5.80 -0.96
CA SER F 5 -21.18 -5.28 -1.51
C SER F 5 -21.27 -3.76 -1.72
N ASA F 6 -20.12 -3.12 -1.53
CA ASA F 6 -19.79 -1.75 -1.81
C ASA F 6 -18.88 -1.48 -2.99
O ASA F 6 -18.85 -0.37 -3.55
CB ASA F 6 -18.99 -1.21 -0.60
CG ASA F 6 -19.89 -0.68 0.49
OD1 ASA F 6 -21.06 -0.42 0.23
OD2 ASA F 6 -19.34 -0.54 1.59
#